data_8HZ6
#
_entry.id   8HZ6
#
_cell.length_a   76.616
_cell.length_b   83.842
_cell.length_c   61.755
_cell.angle_alpha   90.00
_cell.angle_beta   100.01
_cell.angle_gamma   90.00
#
_symmetry.space_group_name_H-M   'C 1 2 1'
#
loop_
_entity.id
_entity.type
_entity.pdbx_description
1 polymer '4-hydroxyphenylpyruvate dioxygenase'
2 non-polymer 'COBALT (II) ION'
3 non-polymer 1,5-dimethyl-6-(2-oxidanyl-6-oxidanylidene-cyclohexen-1-yl)carbonyl-3-prop-2-ynyl-quinazoline-2,4-dione
4 water water
#
_entity_poly.entity_id   1
_entity_poly.type   'polypeptide(L)'
_entity_poly.pdbx_seq_one_letter_code
;GSHMVRKNPKSDKFKVKRFHHIEFWCGDATNVARRFSWGLGMRFSAKSDLSTGNMVHASYLLTSGDLRFLFTAPYSPSLS
AGEIKPTTTASIPSFDHGSCRSFFSSHGLGVRAVAIEVEDAESAFSISVANGAIPSSPPIVLNEAVTIAEVKLYGDVVLR
YVSYKAEDTEKSEFLPGFERVEDASSFPLDYGIRRLDHAVGNVPELGPALTYVAGFTGFHQFAEFTADDVGTAESGLNSA
VLASNDEMVLLPINEPVHGTKRKSQIQTYLEHNEGAGLQHLALMSEDIFRTLREMRKRSSIGGFDFMPSPPPTYYQNLKK
RVGDVLSDDQIKECEELGILVDRDDQGTLLQIFTKPLGDRPTIFIEIIQRVGCMMKDEEGKAYQSGGCGGFGKGNFSELF
KSIEEYEKTLEAKQLVG
;
_entity_poly.pdbx_strand_id   A
#
loop_
_chem_comp.id
_chem_comp.type
_chem_comp.name
_chem_comp.formula
CO non-polymer 'COBALT (II) ION' 'Co 2'
O36 non-polymer 1,5-dimethyl-6-(2-oxidanyl-6-oxidanylidene-cyclohexen-1-yl)carbonyl-3-prop-2-ynyl-quinazoline-2,4-dione 'C20 H18 N2 O5'
#
# COMPACT_ATOMS: atom_id res chain seq x y z
N LYS A 7 -0.62 17.13 18.17
CA LYS A 7 -1.75 17.97 17.79
C LYS A 7 -2.50 17.38 16.61
N ASN A 8 -3.78 17.06 16.83
CA ASN A 8 -4.66 16.53 15.79
C ASN A 8 -5.86 17.46 15.68
N PRO A 9 -5.87 18.37 14.70
CA PRO A 9 -7.01 19.29 14.56
C PRO A 9 -8.28 18.65 14.02
N LYS A 10 -8.23 17.39 13.60
CA LYS A 10 -9.41 16.66 13.14
C LYS A 10 -10.15 17.44 12.05
N SER A 11 -9.44 17.76 10.98
CA SER A 11 -9.93 18.66 9.95
C SER A 11 -10.41 17.96 8.68
N ASP A 12 -10.66 16.64 8.73
CA ASP A 12 -11.15 15.93 7.55
C ASP A 12 -12.37 16.62 6.98
N LYS A 13 -12.38 16.83 5.67
CA LYS A 13 -13.50 17.51 5.04
C LYS A 13 -14.66 16.57 4.74
N PHE A 14 -14.49 15.27 4.93
CA PHE A 14 -15.56 14.30 4.78
C PHE A 14 -15.22 13.09 5.64
N LYS A 15 -16.23 12.27 5.92
CA LYS A 15 -16.06 11.17 6.87
C LYS A 15 -15.30 10.03 6.20
N VAL A 16 -14.13 9.72 6.73
CA VAL A 16 -13.25 8.67 6.22
C VAL A 16 -13.25 7.53 7.22
N LYS A 17 -13.35 6.30 6.72
CA LYS A 17 -13.32 5.16 7.63
C LYS A 17 -11.92 4.53 7.64
N ARG A 18 -11.65 3.58 6.75
CA ARG A 18 -10.36 2.92 6.77
C ARG A 18 -9.89 2.70 5.34
N PHE A 19 -8.62 2.33 5.20
CA PHE A 19 -8.16 1.78 3.93
C PHE A 19 -9.07 0.64 3.52
N HIS A 20 -9.41 0.59 2.24
CA HIS A 20 -10.31 -0.44 1.74
C HIS A 20 -9.61 -1.43 0.85
N HIS A 21 -8.90 -0.97 -0.17
CA HIS A 21 -8.13 -1.90 -1.00
C HIS A 21 -7.05 -1.12 -1.73
N ILE A 22 -6.11 -1.88 -2.28
CA ILE A 22 -5.06 -1.37 -3.17
C ILE A 22 -5.21 -2.07 -4.49
N GLU A 23 -5.25 -1.32 -5.59
CA GLU A 23 -5.35 -1.93 -6.92
C GLU A 23 -4.06 -1.77 -7.70
N PHE A 24 -3.50 -2.90 -8.14
CA PHE A 24 -2.37 -2.95 -9.03
C PHE A 24 -2.87 -3.02 -10.46
N TRP A 25 -2.25 -2.23 -11.34
CA TRP A 25 -2.47 -2.39 -12.75
C TRP A 25 -1.33 -3.21 -13.33
N CYS A 26 -1.70 -4.27 -14.07
CA CYS A 26 -0.81 -5.36 -14.45
C CYS A 26 -0.90 -5.56 -15.96
N GLY A 27 0.10 -6.26 -16.49
CA GLY A 27 -0.01 -6.75 -17.84
C GLY A 27 -0.80 -8.04 -17.89
N ASP A 28 -0.53 -8.93 -16.94
CA ASP A 28 -1.27 -10.17 -16.76
C ASP A 28 -1.63 -10.27 -15.28
N ALA A 29 -2.93 -10.14 -14.97
CA ALA A 29 -3.33 -10.14 -13.57
C ALA A 29 -3.17 -11.50 -12.93
N THR A 30 -3.40 -12.56 -13.71
CA THR A 30 -3.33 -13.93 -13.19
C THR A 30 -1.96 -14.24 -12.59
N ASN A 31 -0.89 -13.95 -13.35
CA ASN A 31 0.44 -14.33 -12.87
C ASN A 31 0.89 -13.48 -11.70
N VAL A 32 0.57 -12.17 -11.72
CA VAL A 32 0.95 -11.35 -10.57
C VAL A 32 0.18 -11.78 -9.34
N ALA A 33 -1.13 -11.99 -9.49
CA ALA A 33 -1.95 -12.36 -8.33
C ALA A 33 -1.50 -13.69 -7.74
N ARG A 34 -1.21 -14.68 -8.59
CA ARG A 34 -0.76 -15.98 -8.07
C ARG A 34 0.58 -15.84 -7.36
N ARG A 35 1.51 -15.04 -7.91
CA ARG A 35 2.78 -14.82 -7.24
C ARG A 35 2.58 -14.15 -5.89
N PHE A 36 1.77 -13.09 -5.85
CA PHE A 36 1.53 -12.38 -4.60
C PHE A 36 0.83 -13.26 -3.57
N SER A 37 -0.13 -14.08 -4.03
CA SER A 37 -0.86 -14.95 -3.11
C SER A 37 0.10 -15.87 -2.35
N TRP A 38 0.98 -16.54 -3.09
CA TRP A 38 1.95 -17.45 -2.49
C TRP A 38 2.98 -16.69 -1.65
N GLY A 39 3.46 -15.55 -2.15
CA GLY A 39 4.52 -14.83 -1.46
C GLY A 39 4.09 -14.20 -0.15
N LEU A 40 2.84 -13.73 -0.08
CA LEU A 40 2.34 -12.96 1.05
C LEU A 40 1.34 -13.73 1.92
N GLY A 41 0.87 -14.89 1.45
CA GLY A 41 -0.08 -15.66 2.21
C GLY A 41 -1.46 -15.04 2.14
N MET A 42 -1.90 -14.67 0.95
CA MET A 42 -3.20 -14.07 0.76
C MET A 42 -4.06 -15.00 -0.05
N ARG A 43 -5.35 -15.08 0.31
N ARG A 43 -5.34 -15.12 0.32
CA ARG A 43 -6.28 -16.00 -0.31
CA ARG A 43 -6.21 -16.06 -0.35
C ARG A 43 -6.98 -15.33 -1.48
C ARG A 43 -7.00 -15.37 -1.46
N PHE A 44 -7.27 -16.13 -2.52
CA PHE A 44 -8.12 -15.66 -3.60
C PHE A 44 -9.55 -15.56 -3.10
N SER A 45 -10.12 -14.36 -3.15
CA SER A 45 -11.41 -14.09 -2.53
C SER A 45 -12.52 -13.71 -3.50
N ALA A 46 -12.19 -13.03 -4.60
CA ALA A 46 -13.22 -12.60 -5.53
C ALA A 46 -12.59 -12.45 -6.90
N LYS A 47 -13.44 -12.48 -7.93
CA LYS A 47 -12.97 -12.33 -9.30
C LYS A 47 -14.00 -11.58 -10.12
N SER A 48 -13.52 -10.90 -11.16
CA SER A 48 -14.37 -10.30 -12.19
C SER A 48 -13.58 -10.46 -13.49
N ASP A 49 -14.07 -11.29 -14.40
CA ASP A 49 -13.30 -11.64 -15.59
C ASP A 49 -14.26 -12.24 -16.60
N LEU A 50 -13.72 -12.90 -17.63
CA LEU A 50 -14.57 -13.46 -18.67
C LEU A 50 -15.62 -14.40 -18.07
N SER A 51 -15.24 -15.17 -17.05
CA SER A 51 -16.16 -16.15 -16.48
C SER A 51 -17.31 -15.51 -15.72
N THR A 52 -17.21 -14.22 -15.38
CA THR A 52 -18.29 -13.49 -14.72
C THR A 52 -18.98 -12.52 -15.67
N GLY A 53 -18.65 -12.56 -16.95
CA GLY A 53 -19.28 -11.71 -17.94
C GLY A 53 -18.55 -10.42 -18.24
N ASN A 54 -17.37 -10.21 -17.64
CA ASN A 54 -16.58 -9.01 -17.86
C ASN A 54 -15.74 -9.20 -19.11
N MET A 55 -16.06 -8.47 -20.18
CA MET A 55 -15.33 -8.56 -21.43
C MET A 55 -14.23 -7.52 -21.54
N VAL A 56 -14.04 -6.69 -20.51
CA VAL A 56 -13.18 -5.53 -20.56
C VAL A 56 -11.87 -5.77 -19.83
N HIS A 57 -11.95 -6.21 -18.58
CA HIS A 57 -10.75 -6.39 -17.76
C HIS A 57 -10.87 -7.65 -16.93
N ALA A 58 -9.71 -8.20 -16.57
CA ALA A 58 -9.60 -9.29 -15.63
C ALA A 58 -9.15 -8.70 -14.30
N SER A 59 -9.91 -8.96 -13.23
CA SER A 59 -9.60 -8.44 -11.91
C SER A 59 -9.73 -9.55 -10.89
N TYR A 60 -8.67 -9.76 -10.11
CA TYR A 60 -8.64 -10.80 -9.10
C TYR A 60 -8.32 -10.19 -7.75
N LEU A 61 -9.10 -10.54 -6.74
CA LEU A 61 -8.96 -9.97 -5.40
C LEU A 61 -8.30 -10.99 -4.48
N LEU A 62 -7.21 -10.59 -3.83
CA LEU A 62 -6.59 -11.36 -2.74
C LEU A 62 -6.89 -10.68 -1.40
N THR A 63 -7.12 -11.48 -0.36
CA THR A 63 -7.33 -10.92 0.97
C THR A 63 -6.49 -11.62 2.01
N SER A 64 -6.05 -10.86 3.02
CA SER A 64 -5.50 -11.44 4.23
C SER A 64 -6.02 -10.58 5.36
N GLY A 65 -6.89 -11.15 6.20
CA GLY A 65 -7.56 -10.31 7.17
C GLY A 65 -8.36 -9.21 6.47
N ASP A 66 -8.10 -7.97 6.85
CA ASP A 66 -8.75 -6.81 6.23
C ASP A 66 -7.96 -6.26 5.06
N LEU A 67 -6.79 -6.80 4.77
CA LEU A 67 -6.00 -6.35 3.63
C LEU A 67 -6.61 -6.88 2.34
N ARG A 68 -6.78 -5.99 1.36
CA ARG A 68 -7.39 -6.32 0.07
C ARG A 68 -6.46 -5.83 -1.02
N PHE A 69 -5.91 -6.76 -1.80
CA PHE A 69 -5.09 -6.46 -2.98
C PHE A 69 -5.86 -6.87 -4.22
N LEU A 70 -6.07 -5.92 -5.13
CA LEU A 70 -6.78 -6.18 -6.37
C LEU A 70 -5.77 -6.10 -7.51
N PHE A 71 -5.82 -7.07 -8.43
CA PHE A 71 -4.92 -7.11 -9.59
C PHE A 71 -5.75 -7.07 -10.85
N THR A 72 -5.50 -6.08 -11.71
CA THR A 72 -6.33 -5.86 -12.88
C THR A 72 -5.47 -5.71 -14.12
N ALA A 73 -5.92 -6.32 -15.21
CA ALA A 73 -5.27 -6.22 -16.51
C ALA A 73 -6.34 -6.11 -17.57
N PRO A 74 -6.07 -5.43 -18.68
CA PRO A 74 -7.05 -5.33 -19.75
C PRO A 74 -7.04 -6.53 -20.69
N TYR A 75 -8.22 -6.91 -21.16
CA TYR A 75 -8.33 -7.84 -22.28
C TYR A 75 -8.10 -7.09 -23.58
N SER A 76 -8.11 -7.83 -24.69
CA SER A 76 -8.14 -7.20 -26.00
C SER A 76 -9.36 -6.27 -26.10
N PRO A 77 -9.16 -5.02 -26.52
CA PRO A 77 -10.32 -4.12 -26.73
C PRO A 77 -11.36 -4.69 -27.68
N SER A 78 -10.94 -5.61 -28.55
CA SER A 78 -11.86 -6.18 -29.53
C SER A 78 -13.02 -6.91 -28.86
N LEU A 79 -12.81 -7.47 -27.66
CA LEU A 79 -13.90 -8.21 -27.02
C LEU A 79 -15.04 -7.30 -26.62
N SER A 80 -14.77 -6.01 -26.41
CA SER A 80 -15.78 -5.07 -25.93
C SER A 80 -15.99 -3.93 -26.91
N ALA A 81 -15.59 -4.11 -28.18
CA ALA A 81 -15.61 -3.02 -29.14
C ALA A 81 -17.00 -2.45 -29.34
N GLY A 82 -18.04 -3.28 -29.19
CA GLY A 82 -19.39 -2.78 -29.37
C GLY A 82 -20.00 -2.13 -28.15
N GLU A 83 -19.27 -2.13 -27.03
CA GLU A 83 -19.80 -1.53 -25.81
C GLU A 83 -19.60 -0.03 -25.81
N ILE A 84 -20.47 0.66 -25.07
CA ILE A 84 -20.25 2.03 -24.65
C ILE A 84 -20.37 2.05 -23.14
N LYS A 85 -20.01 3.17 -22.52
CA LYS A 85 -20.07 3.22 -21.06
C LYS A 85 -21.45 2.84 -20.53
N PRO A 86 -22.57 3.32 -21.09
CA PRO A 86 -23.88 2.87 -20.60
C PRO A 86 -24.13 1.37 -20.71
N THR A 87 -23.43 0.65 -21.60
CA THR A 87 -23.63 -0.79 -21.77
C THR A 87 -22.40 -1.61 -21.35
N THR A 88 -21.51 -1.03 -20.55
CA THR A 88 -20.23 -1.69 -20.27
C THR A 88 -20.45 -2.99 -19.47
N THR A 89 -19.58 -3.96 -19.75
CA THR A 89 -19.48 -5.16 -18.91
C THR A 89 -18.37 -5.05 -17.88
N ALA A 90 -17.62 -3.95 -17.86
CA ALA A 90 -16.62 -3.75 -16.83
C ALA A 90 -17.29 -3.63 -15.46
N SER A 91 -16.69 -4.24 -14.46
CA SER A 91 -17.18 -4.14 -13.10
C SER A 91 -16.60 -2.94 -12.38
N ILE A 92 -15.49 -2.39 -12.88
CA ILE A 92 -14.91 -1.19 -12.32
C ILE A 92 -15.06 -0.10 -13.37
N PRO A 93 -16.06 0.78 -13.24
CA PRO A 93 -16.41 1.66 -14.37
C PRO A 93 -15.35 2.69 -14.71
N SER A 94 -14.42 2.97 -13.79
CA SER A 94 -13.32 3.87 -14.08
C SER A 94 -12.26 3.25 -14.98
N PHE A 95 -12.29 1.94 -15.19
CA PHE A 95 -11.25 1.30 -15.98
C PHE A 95 -11.31 1.77 -17.43
N ASP A 96 -10.13 1.95 -18.02
CA ASP A 96 -9.98 2.32 -19.42
C ASP A 96 -8.79 1.55 -19.99
N HIS A 97 -9.00 0.84 -21.12
CA HIS A 97 -7.93 0.07 -21.74
C HIS A 97 -6.69 0.94 -21.97
N GLY A 98 -6.88 2.07 -22.64
CA GLY A 98 -5.75 2.93 -22.98
C GLY A 98 -5.02 3.45 -21.75
N SER A 99 -5.79 3.90 -20.74
CA SER A 99 -5.20 4.35 -19.49
C SER A 99 -4.35 3.25 -18.85
N CYS A 100 -4.89 2.04 -18.81
CA CYS A 100 -4.20 0.93 -18.17
C CYS A 100 -2.93 0.57 -18.95
N ARG A 101 -3.04 0.45 -20.27
CA ARG A 101 -1.84 0.12 -21.05
C ARG A 101 -0.80 1.23 -20.96
N SER A 102 -1.24 2.49 -20.99
CA SER A 102 -0.31 3.60 -20.89
C SER A 102 0.35 3.64 -19.51
N PHE A 103 -0.43 3.41 -18.45
CA PHE A 103 0.11 3.36 -17.10
C PHE A 103 1.20 2.29 -17.00
N PHE A 104 0.90 1.09 -17.47
CA PHE A 104 1.84 -0.01 -17.33
C PHE A 104 3.06 0.17 -18.22
N SER A 105 2.86 0.68 -19.44
CA SER A 105 4.01 0.98 -20.29
C SER A 105 4.92 2.00 -19.64
N SER A 106 4.34 3.03 -19.03
CA SER A 106 5.14 4.10 -18.45
C SER A 106 5.84 3.65 -17.18
N HIS A 107 5.09 3.03 -16.26
CA HIS A 107 5.56 2.82 -14.90
C HIS A 107 5.93 1.38 -14.58
N GLY A 108 5.55 0.41 -15.41
CA GLY A 108 5.65 -0.99 -15.07
C GLY A 108 4.61 -1.34 -14.01
N LEU A 109 4.76 -2.55 -13.46
CA LEU A 109 3.84 -3.03 -12.43
C LEU A 109 3.82 -2.12 -11.22
N GLY A 110 2.62 -1.71 -10.80
CA GLY A 110 2.56 -0.80 -9.69
C GLY A 110 1.13 -0.50 -9.30
N VAL A 111 0.99 0.35 -8.30
CA VAL A 111 -0.31 0.69 -7.73
C VAL A 111 -0.95 1.80 -8.54
N ARG A 112 -2.15 1.52 -9.06
CA ARG A 112 -2.99 2.53 -9.69
C ARG A 112 -3.89 3.24 -8.69
N ALA A 113 -4.48 2.50 -7.74
CA ALA A 113 -5.48 3.08 -6.84
C ALA A 113 -5.18 2.74 -5.39
N VAL A 114 -5.17 3.77 -4.55
CA VAL A 114 -5.24 3.65 -3.10
C VAL A 114 -6.70 3.91 -2.74
N ALA A 115 -7.43 2.89 -2.32
CA ALA A 115 -8.86 3.05 -2.07
C ALA A 115 -9.12 3.15 -0.58
N ILE A 116 -9.87 4.18 -0.19
CA ILE A 116 -10.31 4.33 1.21
C ILE A 116 -11.84 4.26 1.23
N GLU A 117 -12.38 3.66 2.30
CA GLU A 117 -13.82 3.61 2.48
C GLU A 117 -14.25 4.90 3.17
N VAL A 118 -15.30 5.51 2.65
CA VAL A 118 -15.84 6.76 3.16
C VAL A 118 -17.34 6.54 3.42
N GLU A 119 -17.96 7.54 4.06
CA GLU A 119 -19.40 7.42 4.31
C GLU A 119 -20.20 7.60 3.03
N ASP A 120 -19.72 8.47 2.12
CA ASP A 120 -20.49 8.83 0.93
C ASP A 120 -19.46 9.23 -0.14
N ALA A 121 -19.20 8.31 -1.08
CA ALA A 121 -18.21 8.55 -2.11
C ALA A 121 -18.56 9.74 -2.98
N GLU A 122 -19.86 9.97 -3.23
CA GLU A 122 -20.25 11.11 -4.05
C GLU A 122 -19.95 12.42 -3.34
N SER A 123 -20.30 12.51 -2.07
CA SER A 123 -19.97 13.72 -1.30
C SER A 123 -18.46 13.90 -1.19
N ALA A 124 -17.74 12.84 -0.81
CA ALA A 124 -16.28 12.92 -0.74
C ALA A 124 -15.69 13.42 -2.05
N PHE A 125 -16.20 12.93 -3.18
CA PHE A 125 -15.72 13.38 -4.48
C PHE A 125 -16.01 14.86 -4.69
N SER A 126 -17.26 15.26 -4.49
CA SER A 126 -17.65 16.66 -4.69
C SER A 126 -16.86 17.59 -3.80
N ILE A 127 -16.75 17.26 -2.52
CA ILE A 127 -16.01 18.10 -1.59
C ILE A 127 -14.54 18.14 -1.97
N SER A 128 -13.97 16.99 -2.34
CA SER A 128 -12.56 16.97 -2.74
C SER A 128 -12.31 17.91 -3.92
N VAL A 129 -13.15 17.82 -4.95
CA VAL A 129 -12.93 18.61 -6.16
C VAL A 129 -13.16 20.09 -5.87
N ALA A 130 -14.18 20.39 -5.06
CA ALA A 130 -14.41 21.77 -4.65
C ALA A 130 -13.23 22.35 -3.89
N ASN A 131 -12.40 21.49 -3.30
CA ASN A 131 -11.23 21.92 -2.54
C ASN A 131 -9.92 21.59 -3.26
N GLY A 132 -9.97 21.47 -4.58
CA GLY A 132 -8.76 21.45 -5.38
C GLY A 132 -8.36 20.11 -5.97
N ALA A 133 -9.04 19.02 -5.61
CA ALA A 133 -8.70 17.72 -6.18
C ALA A 133 -8.92 17.71 -7.68
N ILE A 134 -7.99 17.10 -8.41
CA ILE A 134 -8.16 16.88 -9.85
C ILE A 134 -9.04 15.64 -10.06
N PRO A 135 -10.23 15.81 -10.63
CA PRO A 135 -11.09 14.63 -10.85
C PRO A 135 -10.42 13.63 -11.77
N SER A 136 -10.61 12.35 -11.45
CA SER A 136 -10.16 11.29 -12.34
C SER A 136 -11.31 10.43 -12.85
N SER A 137 -12.26 10.09 -11.99
CA SER A 137 -13.43 9.34 -12.38
C SER A 137 -14.59 9.78 -11.50
N PRO A 138 -15.72 10.17 -12.10
CA PRO A 138 -16.84 10.72 -11.32
C PRO A 138 -17.53 9.63 -10.52
N PRO A 139 -18.35 10.01 -9.54
CA PRO A 139 -19.06 8.99 -8.75
C PRO A 139 -19.99 8.18 -9.63
N ILE A 140 -19.89 6.87 -9.53
CA ILE A 140 -20.74 5.95 -10.26
C ILE A 140 -21.34 4.98 -9.25
N VAL A 141 -22.65 4.83 -9.28
CA VAL A 141 -23.36 3.93 -8.38
C VAL A 141 -23.48 2.57 -9.03
N LEU A 142 -23.03 1.54 -8.33
CA LEU A 142 -22.99 0.18 -8.84
C LEU A 142 -24.11 -0.64 -8.20
N ASN A 143 -25.06 -1.11 -9.02
CA ASN A 143 -26.18 -1.94 -8.57
C ASN A 143 -26.91 -1.32 -7.39
N GLU A 144 -26.98 0.02 -7.37
CA GLU A 144 -27.68 0.76 -6.32
C GLU A 144 -27.17 0.40 -4.92
N ALA A 145 -25.91 -0.02 -4.83
CA ALA A 145 -25.42 -0.59 -3.58
C ALA A 145 -24.07 -0.01 -3.15
N VAL A 146 -23.22 0.32 -4.12
CA VAL A 146 -21.87 0.80 -3.84
C VAL A 146 -21.59 1.98 -4.75
N THR A 147 -20.99 3.04 -4.19
CA THR A 147 -20.56 4.18 -4.98
C THR A 147 -19.04 4.25 -4.99
N ILE A 148 -18.47 4.50 -6.16
CA ILE A 148 -17.03 4.59 -6.32
C ILE A 148 -16.70 5.88 -7.08
N ALA A 149 -15.64 6.57 -6.66
CA ALA A 149 -15.19 7.78 -7.32
C ALA A 149 -13.68 7.88 -7.15
N GLU A 150 -13.03 8.64 -8.04
CA GLU A 150 -11.56 8.72 -8.03
C GLU A 150 -11.08 10.14 -8.30
N VAL A 151 -10.06 10.57 -7.54
CA VAL A 151 -9.36 11.82 -7.81
C VAL A 151 -7.87 11.53 -7.87
N LYS A 152 -7.13 12.43 -8.52
CA LYS A 152 -5.68 12.21 -8.62
C LYS A 152 -5.00 12.41 -7.27
N LEU A 153 -4.08 11.50 -6.94
CA LEU A 153 -3.32 11.58 -5.69
C LEU A 153 -1.92 12.13 -5.93
N TYR A 154 -1.11 11.41 -6.70
CA TYR A 154 0.18 11.88 -7.19
C TYR A 154 0.55 11.00 -8.38
N GLY A 155 1.31 11.58 -9.31
CA GLY A 155 1.62 10.86 -10.54
C GLY A 155 0.35 10.35 -11.21
N ASP A 156 0.35 9.07 -11.55
CA ASP A 156 -0.81 8.42 -12.12
C ASP A 156 -1.52 7.53 -11.12
N VAL A 157 -1.31 7.77 -9.83
CA VAL A 157 -2.00 7.08 -8.75
C VAL A 157 -3.24 7.88 -8.40
N VAL A 158 -4.36 7.19 -8.21
CA VAL A 158 -5.60 7.84 -7.81
C VAL A 158 -5.94 7.46 -6.37
N LEU A 159 -6.58 8.39 -5.68
CA LEU A 159 -7.24 8.10 -4.42
C LEU A 159 -8.68 7.75 -4.76
N ARG A 160 -9.06 6.51 -4.47
CA ARG A 160 -10.39 6.01 -4.79
C ARG A 160 -11.24 6.04 -3.55
N TYR A 161 -12.42 6.67 -3.65
CA TYR A 161 -13.41 6.64 -2.58
C TYR A 161 -14.43 5.54 -2.88
N VAL A 162 -14.75 4.73 -1.88
CA VAL A 162 -15.80 3.72 -2.01
C VAL A 162 -16.72 3.85 -0.80
N SER A 163 -18.03 3.81 -1.04
CA SER A 163 -19.00 3.84 0.04
C SER A 163 -20.08 2.82 -0.21
N TYR A 164 -20.60 2.25 0.86
CA TYR A 164 -21.54 1.13 0.80
C TYR A 164 -22.84 1.52 1.47
N LYS A 165 -23.97 1.22 0.80
CA LYS A 165 -25.26 1.45 1.42
C LYS A 165 -25.46 0.53 2.61
N ALA A 166 -25.12 -0.75 2.47
CA ALA A 166 -25.28 -1.70 3.56
C ALA A 166 -23.96 -1.92 4.30
N GLU A 173 -18.98 -9.71 -2.37
CA GLU A 173 -19.35 -8.60 -1.51
C GLU A 173 -18.37 -7.42 -1.69
N PHE A 174 -17.28 -7.67 -2.41
CA PHE A 174 -16.29 -6.64 -2.65
C PHE A 174 -16.91 -5.50 -3.45
N LEU A 175 -17.28 -5.78 -4.69
CA LEU A 175 -17.96 -4.84 -5.56
C LEU A 175 -19.00 -5.61 -6.34
N PRO A 176 -20.11 -4.96 -6.73
CA PRO A 176 -21.08 -5.65 -7.58
C PRO A 176 -20.40 -6.13 -8.86
N GLY A 177 -20.84 -7.28 -9.36
CA GLY A 177 -20.23 -7.88 -10.51
C GLY A 177 -19.07 -8.80 -10.19
N PHE A 178 -18.47 -8.67 -9.01
CA PHE A 178 -17.45 -9.61 -8.58
C PHE A 178 -18.12 -10.86 -8.02
N GLU A 179 -17.55 -12.02 -8.29
CA GLU A 179 -18.03 -13.29 -7.75
C GLU A 179 -17.04 -13.80 -6.71
N ARG A 180 -17.58 -14.29 -5.58
CA ARG A 180 -16.75 -14.96 -4.59
C ARG A 180 -16.12 -16.21 -5.21
N VAL A 181 -14.90 -16.52 -4.81
CA VAL A 181 -14.12 -17.56 -5.49
C VAL A 181 -14.38 -18.90 -4.83
N GLU A 182 -14.69 -19.90 -5.67
CA GLU A 182 -14.99 -21.26 -5.21
C GLU A 182 -13.89 -21.80 -4.32
N ASP A 183 -14.28 -22.71 -3.42
CA ASP A 183 -13.38 -23.22 -2.39
C ASP A 183 -12.10 -23.81 -2.98
N ALA A 184 -12.24 -24.61 -4.04
CA ALA A 184 -11.11 -25.39 -4.55
C ALA A 184 -9.96 -24.49 -5.01
N SER A 185 -10.28 -23.33 -5.59
CA SER A 185 -9.26 -22.37 -5.99
C SER A 185 -8.94 -21.37 -4.89
N SER A 186 -9.55 -21.48 -3.72
CA SER A 186 -9.31 -20.55 -2.62
C SER A 186 -8.65 -21.29 -1.46
N PHE A 187 -7.38 -21.62 -1.64
CA PHE A 187 -6.58 -22.22 -0.57
C PHE A 187 -6.45 -21.22 0.58
N PRO A 188 -6.70 -21.63 1.83
CA PRO A 188 -6.74 -20.65 2.93
C PRO A 188 -5.35 -20.30 3.46
N LEU A 189 -4.50 -19.76 2.58
CA LEU A 189 -3.19 -19.29 3.01
C LEU A 189 -3.33 -18.13 3.99
N ASP A 190 -2.41 -18.05 4.94
CA ASP A 190 -2.41 -16.97 5.90
C ASP A 190 -1.07 -16.94 6.62
N TYR A 191 -0.26 -15.91 6.40
CA TYR A 191 1.00 -15.78 7.13
C TYR A 191 0.92 -14.73 8.22
N GLY A 192 -0.26 -14.21 8.52
CA GLY A 192 -0.46 -13.29 9.62
C GLY A 192 -0.72 -11.85 9.23
N ILE A 193 -0.67 -11.49 7.95
CA ILE A 193 -0.93 -10.11 7.58
C ILE A 193 -2.41 -9.79 7.75
N ARG A 194 -2.72 -8.60 8.25
CA ARG A 194 -4.09 -8.30 8.65
C ARG A 194 -4.65 -6.98 8.10
N ARG A 195 -3.82 -5.99 7.80
CA ARG A 195 -4.37 -4.75 7.25
C ARG A 195 -3.26 -3.90 6.66
N LEU A 196 -3.68 -2.92 5.85
CA LEU A 196 -2.77 -1.91 5.34
C LEU A 196 -2.56 -0.85 6.42
N ASP A 197 -1.32 -0.66 6.82
CA ASP A 197 -1.00 0.36 7.82
C ASP A 197 -0.77 1.73 7.19
N HIS A 198 0.00 1.81 6.11
CA HIS A 198 0.21 3.07 5.42
C HIS A 198 0.64 2.79 3.99
N ALA A 199 0.47 3.83 3.16
CA ALA A 199 0.77 3.79 1.73
C ALA A 199 1.53 5.05 1.39
N VAL A 200 2.69 4.90 0.75
CA VAL A 200 3.70 5.95 0.67
C VAL A 200 3.96 6.32 -0.79
N GLY A 201 3.95 7.61 -1.08
CA GLY A 201 4.23 8.11 -2.42
C GLY A 201 5.60 8.74 -2.51
N ASN A 202 6.23 8.62 -3.67
CA ASN A 202 7.45 9.35 -3.99
C ASN A 202 7.09 10.43 -5.00
N VAL A 203 7.53 11.65 -4.73
CA VAL A 203 7.25 12.80 -5.60
C VAL A 203 8.54 13.59 -5.79
N PRO A 204 8.60 14.39 -6.87
CA PRO A 204 9.79 15.24 -7.04
C PRO A 204 9.83 16.38 -6.04
N GLU A 205 8.68 16.89 -5.60
CA GLU A 205 8.63 18.06 -4.70
C GLU A 205 7.59 17.83 -3.61
N LEU A 206 8.07 17.70 -2.37
CA LEU A 206 7.20 17.34 -1.26
C LEU A 206 6.18 18.43 -0.94
N GLY A 207 6.62 19.68 -0.86
CA GLY A 207 5.76 20.80 -0.50
C GLY A 207 4.47 20.85 -1.30
N PRO A 208 4.58 20.96 -2.63
CA PRO A 208 3.37 21.01 -3.45
C PRO A 208 2.51 19.76 -3.36
N ALA A 209 3.13 18.60 -3.19
CA ALA A 209 2.33 17.38 -3.05
C ALA A 209 1.51 17.40 -1.76
N LEU A 210 2.12 17.80 -0.66
CA LEU A 210 1.41 17.84 0.63
C LEU A 210 0.29 18.87 0.59
N THR A 211 0.60 20.07 0.08
CA THR A 211 -0.40 21.13 0.02
C THR A 211 -1.62 20.69 -0.79
N TYR A 212 -1.38 20.01 -1.91
CA TYR A 212 -2.48 19.53 -2.75
C TYR A 212 -3.34 18.51 -2.00
N VAL A 213 -2.73 17.45 -1.47
CA VAL A 213 -3.50 16.38 -0.87
C VAL A 213 -4.17 16.85 0.41
N ALA A 214 -3.42 17.49 1.30
CA ALA A 214 -4.02 18.04 2.50
C ALA A 214 -5.10 19.06 2.16
N GLY A 215 -4.92 19.77 1.05
CA GLY A 215 -5.90 20.76 0.63
C GLY A 215 -7.27 20.18 0.37
N PHE A 216 -7.34 19.06 -0.37
CA PHE A 216 -8.65 18.54 -0.74
C PHE A 216 -9.22 17.51 0.23
N THR A 217 -8.40 16.94 1.11
CA THR A 217 -8.91 15.99 2.10
C THR A 217 -9.16 16.61 3.46
N GLY A 218 -8.40 17.63 3.82
CA GLY A 218 -8.36 18.05 5.20
C GLY A 218 -7.52 17.17 6.09
N PHE A 219 -6.83 16.18 5.53
CA PHE A 219 -5.90 15.38 6.31
C PHE A 219 -4.83 16.28 6.92
N HIS A 220 -4.46 15.99 8.17
CA HIS A 220 -3.49 16.79 8.90
C HIS A 220 -2.12 16.12 8.90
N GLN A 221 -1.12 16.90 9.27
CA GLN A 221 0.23 16.38 9.37
C GLN A 221 0.37 15.57 10.66
N PHE A 222 0.86 14.34 10.51
CA PHE A 222 1.04 13.42 11.62
C PHE A 222 2.38 13.70 12.30
N ALA A 223 2.37 13.79 13.63
CA ALA A 223 3.55 14.07 14.44
C ALA A 223 4.77 13.23 14.06
N GLY A 236 18.66 10.66 2.23
CA GLY A 236 18.37 10.96 0.85
C GLY A 236 16.93 11.35 0.59
N LEU A 237 16.20 11.71 1.63
CA LEU A 237 14.81 12.08 1.47
C LEU A 237 14.38 13.08 2.52
N ASN A 238 13.34 13.84 2.16
CA ASN A 238 12.50 14.55 3.12
C ASN A 238 11.10 13.94 3.02
N SER A 239 10.45 13.79 4.17
CA SER A 239 9.16 13.12 4.19
C SER A 239 8.23 13.81 5.17
N ALA A 240 6.94 13.61 4.97
CA ALA A 240 5.91 14.04 5.89
C ALA A 240 4.73 13.09 5.73
N VAL A 241 3.86 13.06 6.73
CA VAL A 241 2.77 12.10 6.79
C VAL A 241 1.44 12.83 6.95
N LEU A 242 0.50 12.52 6.06
CA LEU A 242 -0.87 13.03 6.16
C LEU A 242 -1.76 11.95 6.77
N ALA A 243 -2.68 12.37 7.63
CA ALA A 243 -3.50 11.44 8.41
C ALA A 243 -4.95 11.91 8.48
N SER A 244 -5.87 10.94 8.51
CA SER A 244 -7.28 11.22 8.72
C SER A 244 -7.53 11.54 10.20
N ASN A 245 -8.79 11.82 10.52
CA ASN A 245 -9.15 12.30 11.86
C ASN A 245 -8.70 11.33 12.95
N ASP A 246 -8.99 10.04 12.78
CA ASP A 246 -8.58 9.06 13.77
C ASP A 246 -7.20 8.47 13.47
N GLU A 247 -6.50 9.03 12.47
CA GLU A 247 -5.13 8.67 12.13
C GLU A 247 -5.00 7.20 11.76
N MET A 248 -6.07 6.62 11.24
CA MET A 248 -6.05 5.25 10.72
C MET A 248 -5.76 5.18 9.23
N VAL A 249 -6.01 6.26 8.49
CA VAL A 249 -5.56 6.40 7.12
C VAL A 249 -4.31 7.27 7.15
N LEU A 250 -3.20 6.69 6.70
CA LEU A 250 -1.88 7.30 6.81
C LEU A 250 -1.23 7.29 5.44
N LEU A 251 -0.85 8.48 4.98
CA LEU A 251 -0.33 8.69 3.63
C LEU A 251 0.96 9.49 3.72
N PRO A 252 2.08 8.84 4.00
CA PRO A 252 3.37 9.51 3.90
C PRO A 252 3.73 9.82 2.46
N ILE A 253 4.53 10.88 2.30
CA ILE A 253 5.04 11.30 0.99
C ILE A 253 6.51 11.67 1.15
N ASN A 254 7.34 11.23 0.20
CA ASN A 254 8.78 11.44 0.19
C ASN A 254 9.18 12.29 -1.02
N GLU A 255 10.18 13.14 -0.83
CA GLU A 255 10.88 13.78 -1.93
C GLU A 255 12.38 13.45 -1.84
N PRO A 256 13.10 13.49 -2.95
CA PRO A 256 14.54 13.23 -2.87
C PRO A 256 15.30 14.41 -2.29
N VAL A 257 16.47 14.13 -1.72
CA VAL A 257 17.44 15.14 -1.34
C VAL A 257 18.66 14.95 -2.24
N HIS A 258 18.93 15.94 -3.09
CA HIS A 258 19.95 15.81 -4.11
C HIS A 258 21.33 16.16 -3.56
N GLY A 259 22.36 15.68 -4.27
CA GLY A 259 23.74 15.98 -3.94
C GLY A 259 24.33 15.16 -2.81
N THR A 260 23.59 14.20 -2.26
CA THR A 260 24.06 13.41 -1.14
C THR A 260 25.22 12.50 -1.54
N LYS A 261 25.91 11.98 -0.53
CA LYS A 261 27.01 11.05 -0.76
C LYS A 261 26.54 9.85 -1.59
N ARG A 262 25.59 9.09 -1.04
CA ARG A 262 24.90 8.06 -1.82
C ARG A 262 23.73 8.68 -2.55
N LYS A 263 23.47 8.19 -3.76
CA LYS A 263 22.35 8.70 -4.53
C LYS A 263 21.04 8.40 -3.83
N SER A 264 20.13 9.37 -3.83
CA SER A 264 18.84 9.17 -3.20
C SER A 264 18.07 8.04 -3.86
N GLN A 265 17.59 7.11 -3.06
CA GLN A 265 16.70 6.07 -3.55
C GLN A 265 15.38 6.65 -4.03
N ILE A 266 14.98 7.82 -3.53
CA ILE A 266 13.76 8.44 -4.07
C ILE A 266 13.99 8.87 -5.51
N GLN A 267 15.19 9.40 -5.81
CA GLN A 267 15.48 9.83 -7.18
C GLN A 267 15.59 8.64 -8.12
N THR A 268 16.26 7.57 -7.68
CA THR A 268 16.29 6.35 -8.50
C THR A 268 14.88 5.88 -8.80
N TYR A 269 14.01 5.86 -7.79
CA TYR A 269 12.61 5.52 -8.01
C TYR A 269 12.00 6.37 -9.12
N LEU A 270 12.12 7.70 -9.00
CA LEU A 270 11.46 8.58 -9.95
C LEU A 270 11.99 8.36 -11.36
N GLU A 271 13.28 8.05 -11.49
CA GLU A 271 13.84 7.79 -12.81
C GLU A 271 13.29 6.51 -13.41
N HIS A 272 13.29 5.41 -12.64
CA HIS A 272 12.86 4.13 -13.19
C HIS A 272 11.35 4.02 -13.31
N ASN A 273 10.60 4.79 -12.51
CA ASN A 273 9.14 4.78 -12.57
C ASN A 273 8.58 5.74 -13.59
N GLU A 274 9.43 6.57 -14.21
CA GLU A 274 8.97 7.69 -15.02
C GLU A 274 8.06 8.62 -14.21
N GLY A 275 8.54 9.04 -13.04
CA GLY A 275 7.89 10.08 -12.28
C GLY A 275 7.29 9.57 -10.98
N ALA A 276 6.50 10.44 -10.37
CA ALA A 276 5.87 10.18 -9.08
C ALA A 276 5.03 8.91 -9.12
N GLY A 277 4.96 8.25 -7.98
CA GLY A 277 4.09 7.08 -7.87
C GLY A 277 4.20 6.48 -6.48
N LEU A 278 3.51 5.36 -6.30
CA LEU A 278 3.48 4.73 -4.99
C LEU A 278 4.80 3.99 -4.74
N GLN A 279 5.47 4.33 -3.65
CA GLN A 279 6.76 3.75 -3.28
C GLN A 279 6.61 2.45 -2.47
N HIS A 280 5.91 2.49 -1.34
CA HIS A 280 5.75 1.25 -0.62
C HIS A 280 4.40 1.14 0.07
N LEU A 281 3.98 -0.10 0.24
CA LEU A 281 2.81 -0.46 1.03
C LEU A 281 3.29 -1.13 2.30
N ALA A 282 2.84 -0.64 3.44
CA ALA A 282 3.22 -1.20 4.72
C ALA A 282 2.06 -2.02 5.26
N LEU A 283 2.31 -3.31 5.46
CA LEU A 283 1.27 -4.27 5.79
C LEU A 283 1.45 -4.67 7.24
N MET A 284 0.42 -4.42 8.05
CA MET A 284 0.48 -4.79 9.45
C MET A 284 0.28 -6.29 9.62
N SER A 285 1.14 -6.90 10.41
CA SER A 285 1.02 -8.30 10.79
C SER A 285 0.61 -8.41 12.25
N GLU A 286 -0.25 -9.38 12.56
CA GLU A 286 -0.53 -9.66 13.97
C GLU A 286 0.56 -10.52 14.61
N ASP A 287 1.54 -10.99 13.83
CA ASP A 287 2.63 -11.77 14.37
C ASP A 287 3.79 -11.68 13.38
N ILE A 288 4.59 -10.62 13.49
CA ILE A 288 5.58 -10.34 12.46
C ILE A 288 6.63 -11.44 12.41
N PHE A 289 6.87 -12.13 13.54
CA PHE A 289 7.80 -13.24 13.51
C PHE A 289 7.28 -14.36 12.61
N ARG A 290 6.01 -14.73 12.76
CA ARG A 290 5.46 -15.78 11.91
C ARG A 290 5.42 -15.32 10.46
N THR A 291 4.99 -14.08 10.22
CA THR A 291 4.91 -13.59 8.85
C THR A 291 6.26 -13.69 8.16
N LEU A 292 7.32 -13.28 8.85
CA LEU A 292 8.64 -13.26 8.23
C LEU A 292 9.20 -14.66 8.07
N ARG A 293 8.97 -15.54 9.06
CA ARG A 293 9.35 -16.94 8.86
C ARG A 293 8.72 -17.48 7.59
N GLU A 294 7.41 -17.26 7.42
CA GLU A 294 6.70 -17.85 6.30
C GLU A 294 7.11 -17.22 4.98
N MET A 295 7.26 -15.90 4.97
CA MET A 295 7.67 -15.24 3.72
C MET A 295 9.10 -15.61 3.33
N ARG A 296 10.00 -15.68 4.31
CA ARG A 296 11.39 -16.00 4.00
C ARG A 296 11.55 -17.44 3.52
N LYS A 297 10.74 -18.37 4.03
CA LYS A 297 10.75 -19.74 3.52
C LYS A 297 10.44 -19.79 2.04
N ARG A 298 9.69 -18.80 1.55
CA ARG A 298 9.21 -18.83 0.18
C ARG A 298 9.95 -17.88 -0.74
N SER A 299 10.93 -17.12 -0.25
CA SER A 299 11.61 -16.10 -1.05
C SER A 299 12.12 -16.65 -2.38
N SER A 300 12.77 -17.82 -2.35
CA SER A 300 13.44 -18.34 -3.53
C SER A 300 12.61 -19.40 -4.25
N ILE A 301 11.36 -19.58 -3.85
CA ILE A 301 10.46 -20.51 -4.51
C ILE A 301 9.18 -19.78 -4.88
N GLY A 302 9.32 -18.56 -5.38
CA GLY A 302 8.23 -17.81 -6.00
C GLY A 302 7.77 -16.61 -5.21
N GLY A 303 8.21 -16.46 -3.96
CA GLY A 303 7.74 -15.39 -3.12
C GLY A 303 8.56 -14.12 -3.26
N PHE A 304 8.76 -13.41 -2.15
CA PHE A 304 9.42 -12.12 -2.14
C PHE A 304 10.75 -12.20 -1.39
N ASP A 305 11.74 -11.47 -1.89
CA ASP A 305 13.03 -11.33 -1.24
C ASP A 305 13.01 -10.15 -0.29
N PHE A 306 13.90 -10.17 0.69
CA PHE A 306 14.02 -9.08 1.64
C PHE A 306 15.35 -8.36 1.48
N MET A 307 15.37 -7.09 1.86
CA MET A 307 16.57 -6.30 1.86
C MET A 307 17.65 -6.97 2.72
N PRO A 308 18.92 -6.67 2.46
CA PRO A 308 20.00 -7.28 3.24
C PRO A 308 19.84 -6.99 4.73
N SER A 309 20.13 -7.99 5.54
CA SER A 309 19.88 -7.86 6.97
C SER A 309 20.92 -6.94 7.61
N PRO A 310 20.58 -6.32 8.73
CA PRO A 310 21.54 -5.46 9.42
C PRO A 310 22.68 -6.28 10.01
N PRO A 311 23.81 -5.66 10.31
CA PRO A 311 24.93 -6.39 10.92
C PRO A 311 24.62 -6.76 12.36
N PRO A 312 25.40 -7.66 12.96
CA PRO A 312 25.11 -8.07 14.35
C PRO A 312 25.17 -6.91 15.33
N THR A 313 25.95 -5.87 15.03
CA THR A 313 26.03 -4.71 15.90
C THR A 313 24.66 -4.07 16.08
N TYR A 314 23.86 -4.03 15.01
CA TYR A 314 22.52 -3.48 15.11
C TYR A 314 21.72 -4.19 16.19
N TYR A 315 21.82 -5.52 16.26
CA TYR A 315 21.03 -6.24 17.23
C TYR A 315 21.65 -6.18 18.62
N GLN A 316 22.98 -6.07 18.69
CA GLN A 316 23.61 -5.75 19.97
C GLN A 316 23.10 -4.42 20.51
N ASN A 317 23.01 -3.41 19.65
CA ASN A 317 22.56 -2.08 20.07
C ASN A 317 21.07 -2.04 20.40
N LEU A 318 20.32 -3.10 20.08
CA LEU A 318 18.89 -3.10 20.40
C LEU A 318 18.65 -3.19 21.90
N LYS A 319 19.55 -3.83 22.64
CA LYS A 319 19.37 -3.97 24.08
C LYS A 319 19.22 -2.60 24.73
N LYS A 320 20.12 -1.67 24.40
CA LYS A 320 20.04 -0.34 24.98
C LYS A 320 18.81 0.42 24.50
N ARG A 321 18.35 0.15 23.29
CA ARG A 321 17.25 0.94 22.72
C ARG A 321 15.88 0.45 23.13
N VAL A 322 15.66 -0.87 23.13
CA VAL A 322 14.32 -1.42 23.35
C VAL A 322 14.35 -2.59 24.32
N GLY A 323 15.42 -2.70 25.11
CA GLY A 323 15.55 -3.80 26.06
C GLY A 323 14.45 -3.85 27.10
N ASP A 324 13.68 -2.78 27.27
CA ASP A 324 12.53 -2.77 28.14
C ASP A 324 11.25 -3.21 27.44
N VAL A 325 11.26 -3.30 26.11
CA VAL A 325 10.10 -3.72 25.35
C VAL A 325 10.23 -5.16 24.88
N LEU A 326 11.43 -5.55 24.44
CA LEU A 326 11.67 -6.87 23.90
C LEU A 326 12.69 -7.61 24.76
N SER A 327 12.40 -8.88 25.03
CA SER A 327 13.34 -9.74 25.74
C SER A 327 14.54 -10.05 24.86
N ASP A 328 15.55 -10.68 25.47
CA ASP A 328 16.72 -11.11 24.72
C ASP A 328 16.35 -12.13 23.65
N ASP A 329 15.43 -13.05 23.99
CA ASP A 329 15.02 -14.05 23.01
C ASP A 329 14.27 -13.41 21.86
N GLN A 330 13.43 -12.41 22.17
CA GLN A 330 12.70 -11.70 21.13
C GLN A 330 13.65 -10.86 20.28
N ILE A 331 14.68 -10.27 20.90
CA ILE A 331 15.69 -9.56 20.13
C ILE A 331 16.45 -10.52 19.23
N LYS A 332 16.79 -11.71 19.74
CA LYS A 332 17.45 -12.70 18.90
C LYS A 332 16.56 -13.15 17.76
N GLU A 333 15.25 -13.26 17.99
CA GLU A 333 14.34 -13.61 16.91
C GLU A 333 14.28 -12.51 15.86
N CYS A 334 14.35 -11.25 16.29
CA CYS A 334 14.50 -10.16 15.32
C CYS A 334 15.76 -10.34 14.49
N GLU A 335 16.86 -10.74 15.12
CA GLU A 335 18.10 -10.94 14.39
C GLU A 335 18.00 -12.10 13.41
N GLU A 336 17.34 -13.18 13.82
CA GLU A 336 17.18 -14.33 12.94
C GLU A 336 16.44 -13.96 11.66
N LEU A 337 15.49 -13.03 11.76
CA LEU A 337 14.61 -12.71 10.64
C LEU A 337 14.99 -11.41 9.93
N GLY A 338 16.00 -10.68 10.43
CA GLY A 338 16.40 -9.44 9.82
C GLY A 338 15.47 -8.27 10.10
N ILE A 339 14.70 -8.35 11.18
CA ILE A 339 13.71 -7.33 11.52
C ILE A 339 14.39 -6.11 12.12
N LEU A 340 13.93 -4.91 11.70
CA LEU A 340 14.34 -3.62 12.26
C LEU A 340 13.39 -3.19 13.37
N VAL A 341 13.92 -2.42 14.31
CA VAL A 341 13.14 -1.92 15.44
C VAL A 341 13.37 -0.43 15.57
N ASP A 342 12.28 0.33 15.75
CA ASP A 342 12.39 1.75 16.06
C ASP A 342 11.39 2.12 17.14
N ARG A 343 11.54 3.32 17.69
CA ARG A 343 10.77 3.71 18.87
C ARG A 343 10.36 5.17 18.80
N ASP A 344 9.10 5.42 19.14
CA ASP A 344 8.50 6.74 19.31
C ASP A 344 8.72 7.24 20.73
N ASP A 345 8.10 8.37 21.06
CA ASP A 345 7.83 8.74 22.45
C ASP A 345 6.64 7.98 23.01
N GLN A 346 5.97 7.16 22.19
CA GLN A 346 4.73 6.53 22.61
C GLN A 346 4.75 5.01 22.37
N GLY A 347 5.46 4.55 21.34
CA GLY A 347 5.40 3.15 20.99
C GLY A 347 6.64 2.68 20.26
N THR A 348 6.65 1.38 19.95
CA THR A 348 7.76 0.70 19.32
C THR A 348 7.30 0.06 18.01
N LEU A 349 8.15 0.13 16.99
CA LEU A 349 7.84 -0.39 15.67
C LEU A 349 8.81 -1.52 15.32
N LEU A 350 8.26 -2.65 14.86
CA LEU A 350 9.06 -3.68 14.21
C LEU A 350 8.75 -3.62 12.72
N GLN A 351 9.78 -3.59 11.88
CA GLN A 351 9.57 -3.41 10.45
C GLN A 351 10.63 -4.15 9.64
N ILE A 352 10.29 -4.43 8.38
CA ILE A 352 11.28 -4.98 7.46
C ILE A 352 10.78 -4.70 6.05
N PHE A 353 11.70 -4.62 5.11
CA PHE A 353 11.39 -4.21 3.76
C PHE A 353 11.75 -5.30 2.76
N THR A 354 10.84 -5.52 1.81
CA THR A 354 11.14 -6.41 0.71
C THR A 354 12.02 -5.71 -0.33
N LYS A 355 12.69 -6.52 -1.14
CA LYS A 355 13.23 -6.03 -2.41
C LYS A 355 12.08 -5.62 -3.32
N PRO A 356 12.33 -4.88 -4.40
CA PRO A 356 11.23 -4.43 -5.26
C PRO A 356 10.36 -5.58 -5.72
N LEU A 357 9.06 -5.29 -5.89
CA LEU A 357 8.09 -6.35 -6.16
C LEU A 357 8.17 -6.86 -7.59
N GLY A 358 8.74 -6.07 -8.50
CA GLY A 358 8.79 -6.42 -9.89
C GLY A 358 10.13 -6.12 -10.53
N ASP A 359 10.14 -5.96 -11.85
CA ASP A 359 11.39 -5.75 -12.58
C ASP A 359 12.09 -4.46 -12.18
N ARG A 360 11.31 -3.40 -11.95
CA ARG A 360 11.93 -2.09 -11.77
C ARG A 360 12.22 -1.82 -10.31
N PRO A 361 13.28 -1.05 -10.02
CA PRO A 361 13.59 -0.68 -8.61
C PRO A 361 12.69 0.44 -8.13
N THR A 362 11.40 0.13 -8.02
CA THR A 362 10.37 1.10 -7.72
C THR A 362 9.60 0.66 -6.48
N ILE A 363 8.46 0.01 -6.65
CA ILE A 363 7.60 -0.31 -5.51
C ILE A 363 8.18 -1.49 -4.73
N PHE A 364 8.04 -1.44 -3.40
CA PHE A 364 8.37 -2.55 -2.52
C PHE A 364 7.35 -2.60 -1.40
N ILE A 365 7.47 -3.61 -0.53
CA ILE A 365 6.53 -3.82 0.56
C ILE A 365 7.31 -3.72 1.87
N GLU A 366 6.63 -3.20 2.88
CA GLU A 366 7.09 -3.19 4.25
C GLU A 366 6.14 -4.05 5.07
N ILE A 367 6.70 -4.92 5.93
CA ILE A 367 5.90 -5.64 6.92
C ILE A 367 6.16 -4.97 8.26
N ILE A 368 5.10 -4.71 9.01
CA ILE A 368 5.27 -4.01 10.28
C ILE A 368 4.36 -4.60 11.35
N GLN A 369 4.76 -4.39 12.59
CA GLN A 369 3.89 -4.63 13.73
C GLN A 369 4.24 -3.59 14.78
N ARG A 370 3.23 -3.06 15.43
CA ARG A 370 3.38 -1.96 16.37
C ARG A 370 3.01 -2.42 17.77
N VAL A 371 3.71 -1.90 18.77
CA VAL A 371 3.47 -2.28 20.16
C VAL A 371 3.41 -1.01 21.00
N GLY A 372 2.31 -0.86 21.74
CA GLY A 372 2.06 0.28 22.59
C GLY A 372 0.80 1.02 22.16
N CYS A 373 0.66 2.24 22.69
CA CYS A 373 -0.44 3.15 22.33
C CYS A 373 -1.80 2.47 22.46
N MET A 374 -1.99 1.70 23.53
CA MET A 374 -3.27 1.04 23.76
C MET A 374 -4.24 2.02 24.41
N MET A 375 -5.45 2.09 23.87
CA MET A 375 -6.51 2.90 24.45
C MET A 375 -7.71 2.02 24.74
N TYR A 383 -8.20 -0.85 21.68
CA TYR A 383 -7.64 -0.61 20.34
C TYR A 383 -6.29 0.09 20.42
N GLN A 384 -5.52 -0.01 19.34
CA GLN A 384 -4.23 0.63 19.22
C GLN A 384 -4.37 1.87 18.33
N SER A 385 -3.80 2.99 18.77
CA SER A 385 -3.93 4.19 17.97
C SER A 385 -3.02 4.11 16.75
N GLY A 386 -3.40 4.85 15.70
CA GLY A 386 -2.70 4.75 14.44
C GLY A 386 -1.29 5.31 14.51
N GLY A 387 -0.39 4.69 13.75
CA GLY A 387 0.97 5.19 13.65
C GLY A 387 1.80 5.03 14.90
N CYS A 388 1.34 4.21 15.85
CA CYS A 388 2.07 3.94 17.08
C CYS A 388 3.50 3.51 16.83
N GLY A 389 4.46 4.34 17.24
CA GLY A 389 5.87 4.05 17.06
C GLY A 389 6.49 4.78 15.91
N GLY A 390 5.69 5.41 15.06
CA GLY A 390 6.22 6.17 13.95
C GLY A 390 6.38 5.35 12.69
N PHE A 391 7.39 5.68 11.88
CA PHE A 391 7.56 5.04 10.59
C PHE A 391 8.97 4.51 10.39
N GLY A 392 9.81 4.55 11.42
CA GLY A 392 11.13 3.97 11.35
C GLY A 392 12.20 4.89 10.82
N LYS A 393 11.95 6.19 10.77
CA LYS A 393 12.96 7.13 10.28
C LYS A 393 14.24 7.04 11.08
N GLY A 394 14.14 6.75 12.38
CA GLY A 394 15.32 6.59 13.20
C GLY A 394 16.22 5.46 12.79
N ASN A 395 15.70 4.53 11.97
CA ASN A 395 16.50 3.40 11.52
C ASN A 395 17.48 3.76 10.41
N PHE A 396 17.34 4.94 9.79
CA PHE A 396 18.36 5.37 8.84
C PHE A 396 19.69 5.60 9.53
N SER A 397 19.69 6.32 10.66
CA SER A 397 20.92 6.54 11.40
C SER A 397 21.37 5.27 12.14
N GLU A 398 20.43 4.54 12.74
CA GLU A 398 20.80 3.34 13.48
C GLU A 398 21.43 2.30 12.56
N LEU A 399 20.90 2.16 11.34
CA LEU A 399 21.54 1.28 10.37
C LEU A 399 22.92 1.79 10.00
N PHE A 400 23.02 3.09 9.71
CA PHE A 400 24.30 3.68 9.34
C PHE A 400 25.34 3.47 10.45
N LYS A 401 24.98 3.83 11.69
CA LYS A 401 25.90 3.65 12.80
C LYS A 401 26.30 2.18 12.96
N SER A 402 25.33 1.28 12.92
CA SER A 402 25.64 -0.14 13.09
C SER A 402 26.57 -0.65 12.00
N ILE A 403 26.46 -0.09 10.79
CA ILE A 403 27.30 -0.55 9.68
C ILE A 403 28.75 -0.16 9.92
N GLU A 404 28.99 1.10 10.27
CA GLU A 404 30.35 1.53 10.56
C GLU A 404 30.89 0.84 11.81
N GLU A 405 30.07 0.72 12.85
CA GLU A 405 30.47 -0.03 14.04
C GLU A 405 30.86 -1.45 13.67
N TYR A 406 30.06 -2.11 12.83
CA TYR A 406 30.38 -3.47 12.42
C TYR A 406 31.65 -3.52 11.57
N GLU A 407 31.93 -2.44 10.82
CA GLU A 407 33.15 -2.40 10.01
C GLU A 407 34.41 -2.58 10.86
N LYS A 408 34.30 -2.43 12.18
CA LYS A 408 35.40 -2.72 13.09
C LYS A 408 35.94 -4.14 12.90
CO CO B . 6.86 2.76 5.93
C13 O36 C . 8.64 8.03 6.30
C15 O36 C . 10.11 6.43 5.09
C21 O36 C . 13.73 2.21 3.63
C24 O36 C . 15.59 2.32 7.34
C26 O36 C . 15.01 0.24 1.86
C1 O36 C . 11.03 3.53 5.82
C2 O36 C . 11.68 3.55 7.05
C3 O36 C . 13.00 3.13 7.10
C4 O36 C . 13.66 2.68 5.95
C5 O36 C . 13.02 2.66 4.73
C6 O36 C . 11.68 3.09 4.68
C7 O36 C . 10.82 3.12 3.41
C8 O36 C . 9.57 3.94 5.75
C9 O36 C . 9.11 5.37 5.56
C11 O36 C . 7.83 5.71 5.72
C12 O36 C . 7.43 7.18 5.88
C14 O36 C . 9.72 7.89 5.24
C19 O36 C . 15.60 1.86 4.97
C25 O36 C . 15.76 1.35 2.60
C27 O36 C . 14.40 -0.58 1.25
N18 O36 C . 14.92 2.29 6.06
N20 O36 C . 14.99 1.81 3.76
O10 O36 C . 8.75 3.05 5.86
O16 O36 C . 6.86 4.74 5.90
O17 O36 C . 11.16 6.12 4.61
O22 O36 C . 13.28 2.17 2.54
O23 O36 C . 16.72 1.51 5.09
#